data_1UX5
#
_entry.id   1UX5
#
_cell.length_a   101.400
_cell.length_b   101.400
_cell.length_c   265.700
_cell.angle_alpha   90.00
_cell.angle_beta   90.00
_cell.angle_gamma   120.00
#
_symmetry.space_group_name_H-M   'P 61 2 2'
#
loop_
_entity.id
_entity.type
_entity.pdbx_description
1 polymer 'BNI1 PROTEIN'
2 water water
#
_entity_poly.entity_id   1
_entity_poly.type   'polypeptide(L)'
_entity_poly.pdbx_seq_one_letter_code
;KYPRPHKKLKQLHWEKLDCTDNSIWGTGKAEKFADDLYEKGVLADLEKAFAAREIKSLASKRKEDLQKITFLSRDISQQF
GINLHMYSSLSVADLVKKILNCDRDFLQTPSVVEFLSKSEIIEVSVNLARNYAPYSTDWEGVRNLEDAKPPEKDPNDLQR
ADQIYLQLMVNLESYWGSRMRALTVVTSYEREYNELLAKLRKVDKAVSALQESDNLRNVFNVILAVGNFMNDTSKQAQGF
KLSTLQRLTFIKDTTNSMTFLNYVEKIVRLNYPSFNDFLSELEPVLDVVKVSIEQLVNDCKDFSQSIVNVERSVEIGNLS
DSSKFHPLDKVLIKTLPVLPEARKKGDLLEDEVKLTIMEFESLMHTYGEDSGDKFAKISFFKKFADFINEYKKAQAQNLA
AEEEERLYIKH
;
_entity_poly.pdbx_strand_id   A
#
# COMPACT_ATOMS: atom_id res chain seq x y z
N LYS A 1 23.68 -27.74 40.55
CA LYS A 1 22.50 -27.11 41.22
C LYS A 1 21.83 -26.05 40.34
N TYR A 2 21.52 -26.43 39.10
CA TYR A 2 20.90 -25.54 38.12
C TYR A 2 20.78 -26.42 36.90
N PRO A 3 19.69 -26.30 36.14
CA PRO A 3 19.65 -27.16 34.95
C PRO A 3 20.80 -26.77 34.05
N ARG A 4 21.36 -27.74 33.34
CA ARG A 4 22.47 -27.46 32.43
C ARG A 4 22.27 -28.08 31.08
N PRO A 5 22.68 -27.37 30.04
CA PRO A 5 22.53 -27.88 28.68
C PRO A 5 23.56 -28.96 28.36
N HIS A 6 23.17 -29.90 27.50
CA HIS A 6 24.07 -30.98 27.10
C HIS A 6 24.98 -30.47 25.97
N LYS A 7 24.43 -29.68 25.07
CA LYS A 7 25.21 -29.10 23.96
C LYS A 7 25.50 -27.64 24.32
N LYS A 8 26.71 -27.16 24.05
CA LYS A 8 27.06 -25.78 24.38
C LYS A 8 26.17 -24.78 23.65
N LEU A 9 25.80 -23.70 24.34
CA LEU A 9 24.91 -22.68 23.78
C LEU A 9 25.57 -21.31 23.59
N LYS A 10 24.88 -20.45 22.86
CA LYS A 10 25.36 -19.10 22.61
C LYS A 10 25.43 -18.40 23.98
N GLN A 11 26.41 -17.53 24.16
CA GLN A 11 26.59 -16.85 25.43
C GLN A 11 26.04 -15.43 25.49
N LEU A 12 25.65 -15.04 26.71
CA LEU A 12 25.15 -13.70 26.94
C LEU A 12 26.22 -13.01 27.79
N HIS A 13 26.95 -12.06 27.21
CA HIS A 13 28.00 -11.38 27.97
C HIS A 13 27.48 -10.18 28.76
N TRP A 14 26.79 -10.48 29.86
CA TRP A 14 26.22 -9.44 30.70
C TRP A 14 27.24 -8.97 31.73
N GLU A 15 27.01 -7.80 32.31
CA GLU A 15 27.90 -7.30 33.36
C GLU A 15 27.18 -7.74 34.63
N LYS A 16 27.77 -8.66 35.37
CA LYS A 16 27.10 -9.14 36.57
C LYS A 16 27.28 -8.26 37.78
N LEU A 17 26.20 -8.11 38.56
CA LEU A 17 26.26 -7.35 39.78
C LEU A 17 26.89 -8.44 40.61
N ASP A 18 28.01 -8.10 41.23
CA ASP A 18 28.81 -9.04 42.00
C ASP A 18 28.14 -9.82 43.12
N CYS A 19 27.33 -9.17 43.93
CA CYS A 19 26.68 -9.89 45.01
C CYS A 19 25.24 -9.50 45.31
N THR A 20 24.48 -10.49 45.78
CA THR A 20 23.10 -10.30 46.17
C THR A 20 23.11 -9.54 47.48
N ASP A 21 23.10 -8.21 47.40
CA ASP A 21 23.13 -7.38 48.59
C ASP A 21 21.76 -6.79 48.87
N ASN A 22 21.74 -5.53 49.27
CA ASN A 22 20.47 -4.85 49.55
C ASN A 22 19.87 -4.47 48.19
N SER A 23 19.50 -5.48 47.40
CA SER A 23 18.93 -5.25 46.08
C SER A 23 17.80 -6.21 45.67
N ILE A 24 17.40 -6.08 44.41
CA ILE A 24 16.34 -6.87 43.82
C ILE A 24 16.76 -8.32 43.57
N TRP A 25 18.06 -8.59 43.64
CA TRP A 25 18.57 -9.93 43.39
C TRP A 25 18.73 -10.77 44.65
N GLY A 26 18.77 -12.08 44.47
CA GLY A 26 18.94 -12.98 45.60
C GLY A 26 17.71 -13.25 46.43
N THR A 27 16.59 -13.45 45.75
CA THR A 27 15.34 -13.75 46.42
C THR A 27 15.10 -15.24 46.23
N GLY A 28 15.97 -15.88 45.46
CA GLY A 28 15.83 -17.30 45.20
C GLY A 28 15.01 -17.59 43.96
N LYS A 29 14.10 -16.67 43.64
CA LYS A 29 13.22 -16.79 42.48
C LYS A 29 13.83 -17.31 41.17
N ALA A 30 14.96 -16.75 40.75
CA ALA A 30 15.61 -17.16 39.50
C ALA A 30 15.81 -18.67 39.37
N GLU A 31 16.23 -19.32 40.46
CA GLU A 31 16.45 -20.77 40.48
C GLU A 31 15.12 -21.51 40.39
N LYS A 32 14.07 -20.95 40.99
CA LYS A 32 12.77 -21.60 40.90
C LYS A 32 12.36 -21.58 39.43
N PHE A 33 12.62 -20.46 38.76
CA PHE A 33 12.30 -20.33 37.33
C PHE A 33 13.09 -21.34 36.53
N ALA A 34 14.38 -21.40 36.81
CA ALA A 34 15.24 -22.34 36.12
C ALA A 34 14.62 -23.73 36.24
N ASP A 35 14.22 -24.09 37.46
CA ASP A 35 13.64 -25.41 37.67
C ASP A 35 12.30 -25.56 36.98
N ASP A 36 11.43 -24.56 37.13
CA ASP A 36 10.11 -24.63 36.50
C ASP A 36 10.24 -24.76 34.99
N LEU A 37 10.98 -23.83 34.38
CA LEU A 37 11.17 -23.85 32.93
C LEU A 37 11.68 -25.19 32.46
N TYR A 38 12.66 -25.71 33.19
CA TYR A 38 13.21 -27.01 32.84
C TYR A 38 12.13 -28.08 32.81
N GLU A 39 11.32 -28.18 33.87
CA GLU A 39 10.27 -29.21 33.90
C GLU A 39 9.31 -29.09 32.74
N LYS A 40 8.98 -27.87 32.33
CA LYS A 40 8.05 -27.65 31.24
C LYS A 40 8.68 -27.81 29.84
N GLY A 41 9.97 -28.15 29.79
CA GLY A 41 10.63 -28.35 28.51
C GLY A 41 11.13 -27.09 27.81
N VAL A 42 10.75 -25.93 28.34
CA VAL A 42 11.19 -24.67 27.75
C VAL A 42 12.70 -24.66 27.61
N LEU A 43 13.41 -25.07 28.65
CA LEU A 43 14.86 -25.07 28.55
C LEU A 43 15.35 -25.95 27.38
N ALA A 44 14.66 -27.05 27.14
CA ALA A 44 15.07 -27.93 26.05
C ALA A 44 14.89 -27.25 24.70
N ASP A 45 13.83 -26.46 24.55
CA ASP A 45 13.62 -25.75 23.29
C ASP A 45 14.78 -24.76 23.14
N LEU A 46 15.03 -24.01 24.21
CA LEU A 46 16.09 -23.03 24.21
C LEU A 46 17.41 -23.64 23.78
N GLU A 47 17.62 -24.88 24.22
CA GLU A 47 18.83 -25.61 23.94
C GLU A 47 19.00 -25.84 22.45
N LYS A 48 17.89 -25.99 21.75
CA LYS A 48 17.98 -26.20 20.32
C LYS A 48 18.04 -24.84 19.64
N ALA A 49 17.21 -23.93 20.14
CA ALA A 49 17.12 -22.59 19.58
C ALA A 49 18.43 -21.80 19.65
N PHE A 50 19.22 -22.03 20.70
CA PHE A 50 20.46 -21.28 20.79
C PHE A 50 21.75 -22.08 20.87
N ALA A 51 21.75 -23.26 20.28
CA ALA A 51 22.95 -24.07 20.26
C ALA A 51 24.02 -23.21 19.55
N ALA A 52 25.26 -23.28 20.03
CA ALA A 52 26.35 -22.50 19.44
C ALA A 52 26.84 -23.07 18.11
N ARG A 53 26.83 -24.39 17.98
CA ARG A 53 27.30 -24.99 16.73
C ARG A 53 26.14 -25.50 15.91
N GLU A 54 26.11 -25.08 14.66
CA GLU A 54 25.10 -25.51 13.71
C GLU A 54 25.12 -27.03 13.69
N ILE A 55 23.96 -27.67 13.76
CA ILE A 55 23.92 -29.13 13.73
C ILE A 55 24.73 -29.65 12.54
N LYS A 56 25.66 -30.58 12.80
CA LYS A 56 26.51 -31.13 11.73
C LYS A 56 25.69 -31.61 10.52
N SER A 57 24.55 -32.23 10.82
CA SER A 57 23.65 -32.74 9.79
C SER A 57 23.29 -31.64 8.79
N LEU A 58 22.61 -30.61 9.28
CA LEU A 58 22.20 -29.47 8.46
C LEU A 58 23.41 -28.75 7.90
N ALA A 59 24.50 -28.77 8.66
CA ALA A 59 25.73 -28.11 8.24
C ALA A 59 26.19 -28.60 6.87
N SER A 60 26.30 -29.91 6.71
CA SER A 60 26.75 -30.51 5.46
C SER A 60 25.76 -30.29 4.32
N LYS A 61 24.49 -30.61 4.57
CA LYS A 61 23.45 -30.44 3.55
C LYS A 61 23.53 -29.03 2.98
N ARG A 62 23.79 -28.06 3.85
CA ARG A 62 23.88 -26.67 3.44
C ARG A 62 25.21 -26.36 2.75
N LYS A 63 26.24 -27.15 3.04
CA LYS A 63 27.55 -26.97 2.43
C LYS A 63 27.52 -27.61 1.04
N GLU A 64 26.80 -28.73 0.95
CA GLU A 64 26.65 -29.49 -0.28
C GLU A 64 25.79 -28.74 -1.31
N ASP A 65 24.56 -28.42 -0.91
CA ASP A 65 23.63 -27.71 -1.79
C ASP A 65 24.03 -26.23 -1.90
N LEU A 66 25.31 -25.95 -1.70
CA LEU A 66 25.81 -24.59 -1.78
C LEU A 66 26.97 -24.53 -2.78
N GLN A 67 27.37 -25.70 -3.27
CA GLN A 67 28.45 -25.79 -4.25
C GLN A 67 27.87 -26.06 -5.63
N LYS A 68 26.66 -26.58 -5.66
CA LYS A 68 25.99 -26.91 -6.92
C LYS A 68 26.00 -25.76 -7.94
N ILE A 69 25.47 -26.04 -9.13
CA ILE A 69 25.43 -25.07 -10.21
C ILE A 69 24.22 -24.13 -10.18
N THR A 70 24.47 -22.85 -10.50
CA THR A 70 23.45 -21.81 -10.50
C THR A 70 23.70 -20.77 -11.59
N PHE A 71 22.64 -20.32 -12.25
CA PHE A 71 22.77 -19.32 -13.29
C PHE A 71 22.07 -18.04 -12.87
N LEU A 72 21.62 -17.99 -11.62
CA LEU A 72 20.92 -16.82 -11.08
C LEU A 72 21.88 -15.84 -10.39
N SER A 73 21.54 -14.56 -10.48
CA SER A 73 22.35 -13.50 -9.87
C SER A 73 22.53 -13.73 -8.38
N ARG A 74 23.39 -12.93 -7.77
CA ARG A 74 23.62 -13.03 -6.34
C ARG A 74 22.41 -12.45 -5.64
N ASP A 75 21.75 -11.52 -6.31
CA ASP A 75 20.57 -10.85 -5.78
C ASP A 75 19.33 -11.72 -5.81
N ILE A 76 18.97 -12.17 -7.01
CA ILE A 76 17.80 -13.00 -7.18
C ILE A 76 17.83 -14.29 -6.37
N SER A 77 18.89 -15.08 -6.56
CA SER A 77 19.01 -16.34 -5.84
C SER A 77 18.85 -16.09 -4.34
N GLN A 78 19.32 -14.92 -3.91
CA GLN A 78 19.27 -14.49 -2.52
C GLN A 78 17.86 -14.18 -2.03
N GLN A 79 17.23 -13.16 -2.62
CA GLN A 79 15.88 -12.77 -2.23
C GLN A 79 14.88 -13.90 -2.43
N PHE A 80 15.33 -15.01 -3.03
CA PHE A 80 14.45 -16.14 -3.24
C PHE A 80 14.20 -16.82 -1.91
N GLY A 81 15.27 -17.09 -1.19
CA GLY A 81 15.16 -17.74 0.12
C GLY A 81 14.48 -16.83 1.12
N ILE A 82 14.77 -15.53 1.00
CA ILE A 82 14.17 -14.53 1.88
C ILE A 82 12.65 -14.56 1.81
N ASN A 83 12.13 -14.21 0.64
CA ASN A 83 10.68 -14.17 0.42
C ASN A 83 9.92 -15.47 0.53
N LEU A 84 10.63 -16.59 0.59
CA LEU A 84 9.98 -17.89 0.70
C LEU A 84 10.42 -18.65 1.94
N HIS A 85 10.98 -17.92 2.91
CA HIS A 85 11.46 -18.53 4.14
C HIS A 85 10.42 -19.38 4.87
N MET A 86 9.16 -18.99 4.83
CA MET A 86 8.14 -19.77 5.52
C MET A 86 8.06 -21.17 4.94
N TYR A 87 8.81 -21.42 3.87
CA TYR A 87 8.79 -22.73 3.23
C TYR A 87 10.17 -23.41 3.28
N SER A 88 11.04 -22.88 4.14
CA SER A 88 12.39 -23.39 4.32
C SER A 88 12.40 -24.90 4.59
N SER A 89 11.40 -25.35 5.33
CA SER A 89 11.29 -26.75 5.70
C SER A 89 10.70 -27.71 4.67
N LEU A 90 10.42 -27.24 3.46
CA LEU A 90 9.83 -28.12 2.45
C LEU A 90 10.77 -28.44 1.29
N SER A 91 10.61 -29.64 0.76
CA SER A 91 11.39 -30.09 -0.38
C SER A 91 10.89 -29.32 -1.58
N VAL A 92 11.79 -28.94 -2.48
CA VAL A 92 11.39 -28.18 -3.68
C VAL A 92 10.11 -28.77 -4.26
N ALA A 93 9.98 -30.09 -4.14
CA ALA A 93 8.81 -30.80 -4.63
C ALA A 93 7.52 -30.27 -3.99
N ASP A 94 7.45 -30.35 -2.66
CA ASP A 94 6.27 -29.90 -1.94
C ASP A 94 6.04 -28.38 -2.02
N LEU A 95 7.11 -27.60 -1.96
CA LEU A 95 6.99 -26.14 -2.04
C LEU A 95 6.37 -25.78 -3.39
N VAL A 96 6.87 -26.44 -4.44
CA VAL A 96 6.38 -26.23 -5.79
C VAL A 96 4.94 -26.72 -5.89
N LYS A 97 4.65 -27.90 -5.35
CA LYS A 97 3.29 -28.40 -5.40
C LYS A 97 2.41 -27.47 -4.57
N LYS A 98 3.05 -26.68 -3.70
CA LYS A 98 2.35 -25.73 -2.82
C LYS A 98 1.83 -24.55 -3.64
N ILE A 99 2.75 -23.94 -4.38
CA ILE A 99 2.43 -22.81 -5.21
C ILE A 99 1.45 -23.15 -6.34
N LEU A 100 1.57 -24.35 -6.89
CA LEU A 100 0.71 -24.78 -7.99
C LEU A 100 -0.65 -25.21 -7.51
N ASN A 101 -0.70 -25.89 -6.38
CA ASN A 101 -1.98 -26.32 -5.83
C ASN A 101 -2.69 -25.07 -5.34
N CYS A 102 -1.96 -23.96 -5.29
CA CYS A 102 -2.48 -22.67 -4.83
C CYS A 102 -2.90 -22.65 -3.36
N ASP A 103 -2.56 -23.69 -2.60
CA ASP A 103 -2.93 -23.83 -1.19
C ASP A 103 -3.40 -22.53 -0.50
N ARG A 104 -4.54 -22.62 0.19
CA ARG A 104 -5.15 -21.48 0.89
C ARG A 104 -4.18 -20.57 1.66
N ASP A 105 -3.22 -21.16 2.38
CA ASP A 105 -2.26 -20.35 3.13
C ASP A 105 -1.37 -19.56 2.16
N PHE A 106 -1.02 -20.20 1.05
CA PHE A 106 -0.19 -19.58 0.02
C PHE A 106 -0.83 -18.30 -0.49
N LEU A 107 -2.11 -18.40 -0.85
CA LEU A 107 -2.87 -17.26 -1.36
C LEU A 107 -3.03 -16.18 -0.28
N GLN A 108 -3.26 -16.60 0.96
CA GLN A 108 -3.43 -15.66 2.05
C GLN A 108 -2.11 -15.01 2.49
N THR A 109 -1.04 -15.24 1.74
CA THR A 109 0.27 -14.65 2.02
C THR A 109 0.59 -13.64 0.91
N PRO A 110 0.02 -12.43 0.98
CA PRO A 110 0.21 -11.36 0.00
C PRO A 110 1.63 -11.14 -0.51
N SER A 111 2.61 -11.31 0.38
CA SER A 111 4.00 -11.07 0.03
C SER A 111 4.61 -12.05 -0.97
N VAL A 112 4.20 -13.32 -0.92
CA VAL A 112 4.75 -14.30 -1.85
C VAL A 112 4.13 -14.11 -3.23
N VAL A 113 2.81 -13.97 -3.26
CA VAL A 113 2.10 -13.78 -4.51
C VAL A 113 2.69 -12.60 -5.28
N GLU A 114 3.15 -11.59 -4.55
CA GLU A 114 3.75 -10.43 -5.20
C GLU A 114 5.09 -10.82 -5.77
N PHE A 115 5.95 -11.39 -4.91
CA PHE A 115 7.28 -11.81 -5.33
C PHE A 115 7.23 -12.69 -6.57
N LEU A 116 6.39 -13.73 -6.53
CA LEU A 116 6.26 -14.64 -7.66
C LEU A 116 5.77 -13.92 -8.91
N SER A 117 5.27 -12.70 -8.73
CA SER A 117 4.78 -11.91 -9.85
C SER A 117 5.73 -10.79 -10.24
N LYS A 118 6.81 -10.60 -9.47
CA LYS A 118 7.77 -9.53 -9.76
C LYS A 118 8.23 -9.58 -11.21
N SER A 119 8.54 -8.43 -11.77
CA SER A 119 8.99 -8.35 -13.15
C SER A 119 10.29 -9.10 -13.38
N GLU A 120 11.38 -8.59 -12.81
CA GLU A 120 12.67 -9.23 -13.00
C GLU A 120 12.67 -10.71 -12.61
N ILE A 121 11.68 -11.14 -11.85
CA ILE A 121 11.58 -12.53 -11.44
C ILE A 121 10.92 -13.36 -12.53
N ILE A 122 9.77 -12.90 -12.98
CA ILE A 122 9.01 -13.58 -14.03
C ILE A 122 9.70 -13.58 -15.39
N GLU A 123 10.36 -12.49 -15.72
CA GLU A 123 11.07 -12.32 -17.00
C GLU A 123 12.36 -13.12 -17.14
N VAL A 124 12.34 -14.10 -18.04
CA VAL A 124 13.49 -14.96 -18.30
C VAL A 124 14.24 -14.50 -19.56
N SER A 125 15.50 -14.10 -19.39
CA SER A 125 16.32 -13.65 -20.51
C SER A 125 16.56 -14.81 -21.47
N VAL A 126 16.93 -14.50 -22.71
CA VAL A 126 17.18 -15.53 -23.71
C VAL A 126 18.27 -16.49 -23.25
N ASN A 127 19.36 -15.93 -22.74
CA ASN A 127 20.48 -16.72 -22.24
C ASN A 127 20.04 -17.71 -21.17
N LEU A 128 19.41 -17.19 -20.13
CA LEU A 128 18.94 -18.01 -19.01
C LEU A 128 18.07 -19.18 -19.47
N ALA A 129 17.12 -18.89 -20.35
CA ALA A 129 16.24 -19.94 -20.87
C ALA A 129 17.10 -21.02 -21.52
N ARG A 130 18.27 -20.61 -22.02
CA ARG A 130 19.22 -21.54 -22.65
C ARG A 130 19.96 -22.32 -21.57
N ASN A 131 20.57 -21.59 -20.64
CA ASN A 131 21.30 -22.20 -19.54
C ASN A 131 20.45 -23.27 -18.86
N TYR A 132 19.17 -22.97 -18.64
CA TYR A 132 18.25 -23.91 -17.99
C TYR A 132 17.64 -24.91 -18.99
N ALA A 133 17.80 -24.62 -20.28
CA ALA A 133 17.28 -25.45 -21.36
C ALA A 133 17.55 -26.94 -21.17
N PRO A 134 18.80 -27.30 -20.86
CA PRO A 134 19.17 -28.72 -20.65
C PRO A 134 18.25 -29.48 -19.68
N TYR A 135 18.02 -28.89 -18.51
CA TYR A 135 17.19 -29.50 -17.45
C TYR A 135 15.70 -29.17 -17.55
N SER A 136 15.33 -28.46 -18.60
CA SER A 136 13.95 -28.07 -18.82
C SER A 136 12.99 -29.22 -19.13
N THR A 137 11.73 -29.03 -18.77
CA THR A 137 10.67 -30.00 -19.02
C THR A 137 9.61 -29.18 -19.79
N ASP A 138 8.70 -29.86 -20.48
CA ASP A 138 7.69 -29.12 -21.26
C ASP A 138 6.28 -29.05 -20.67
N TRP A 139 5.70 -30.19 -20.31
CA TRP A 139 4.36 -30.22 -19.70
C TRP A 139 3.18 -30.02 -20.66
N GLU A 140 3.43 -29.36 -21.79
CA GLU A 140 2.36 -29.12 -22.76
C GLU A 140 1.82 -30.45 -23.28
N GLY A 141 0.57 -30.74 -22.92
CA GLY A 141 -0.04 -31.98 -23.34
C GLY A 141 -0.04 -32.98 -22.20
N VAL A 142 1.02 -32.96 -21.39
CA VAL A 142 1.16 -33.86 -20.25
C VAL A 142 -0.06 -33.77 -19.33
N ARG A 143 -0.70 -34.91 -19.11
CA ARG A 143 -1.91 -34.96 -18.29
C ARG A 143 -1.71 -35.52 -16.88
N ASN A 144 -0.45 -35.50 -16.41
CA ASN A 144 -0.13 -35.96 -15.06
C ASN A 144 1.37 -36.03 -14.80
N LEU A 145 1.74 -35.67 -13.56
CA LEU A 145 3.13 -35.66 -13.11
C LEU A 145 3.84 -36.96 -13.45
N GLU A 146 3.21 -38.07 -13.07
CA GLU A 146 3.75 -39.41 -13.29
C GLU A 146 3.55 -39.96 -14.69
N ASP A 147 3.70 -39.10 -15.70
CA ASP A 147 3.53 -39.53 -17.08
C ASP A 147 4.31 -38.65 -18.05
N ALA A 148 4.95 -37.62 -17.51
CA ALA A 148 5.74 -36.73 -18.34
C ALA A 148 6.95 -37.53 -18.75
N LYS A 149 7.89 -37.69 -17.83
CA LYS A 149 9.11 -38.46 -18.03
C LYS A 149 10.31 -37.82 -18.74
N PRO A 150 10.14 -36.63 -19.36
CA PRO A 150 11.34 -36.07 -20.01
C PRO A 150 12.26 -35.29 -19.07
N PRO A 151 13.35 -35.93 -18.63
CA PRO A 151 14.29 -35.25 -17.72
C PRO A 151 15.24 -34.35 -18.50
N GLU A 152 15.81 -34.90 -19.59
CA GLU A 152 16.74 -34.22 -20.47
C GLU A 152 18.11 -34.00 -19.84
N LYS A 153 18.18 -34.14 -18.52
CA LYS A 153 19.43 -33.97 -17.78
C LYS A 153 18.96 -34.03 -16.33
N ASP A 154 19.70 -33.46 -15.37
CA ASP A 154 19.25 -33.52 -13.99
C ASP A 154 19.06 -32.15 -13.34
N PRO A 155 17.97 -31.99 -12.57
CA PRO A 155 17.62 -30.75 -11.86
C PRO A 155 18.30 -30.66 -10.48
N ASN A 156 18.35 -31.78 -9.78
CA ASN A 156 18.95 -31.83 -8.46
C ASN A 156 20.35 -31.26 -8.43
N ASP A 157 21.03 -31.25 -9.57
CA ASP A 157 22.38 -30.70 -9.65
C ASP A 157 22.29 -29.20 -9.50
N LEU A 158 21.08 -28.67 -9.62
CA LEU A 158 20.83 -27.24 -9.50
C LEU A 158 20.58 -26.84 -8.06
N GLN A 159 21.06 -25.66 -7.69
CA GLN A 159 20.84 -25.17 -6.35
C GLN A 159 19.33 -24.99 -6.15
N ARG A 160 18.88 -25.06 -4.90
CA ARG A 160 17.46 -24.94 -4.58
C ARG A 160 16.78 -23.74 -5.25
N ALA A 161 17.39 -22.56 -5.14
CA ALA A 161 16.83 -21.36 -5.74
C ALA A 161 16.56 -21.54 -7.24
N ASP A 162 17.53 -22.13 -7.94
CA ASP A 162 17.41 -22.36 -9.37
C ASP A 162 16.43 -23.48 -9.68
N GLN A 163 16.37 -24.49 -8.81
CA GLN A 163 15.44 -25.59 -9.00
C GLN A 163 14.00 -25.07 -9.02
N ILE A 164 13.73 -24.05 -8.21
CA ILE A 164 12.40 -23.45 -8.15
C ILE A 164 12.16 -22.60 -9.40
N TYR A 165 13.02 -21.59 -9.60
CA TYR A 165 12.92 -20.72 -10.76
C TYR A 165 12.56 -21.58 -11.95
N LEU A 166 13.30 -22.68 -12.10
CA LEU A 166 13.11 -23.63 -13.19
C LEU A 166 11.69 -24.17 -13.21
N GLN A 167 11.37 -25.00 -12.23
CA GLN A 167 10.05 -25.61 -12.13
C GLN A 167 8.89 -24.67 -12.48
N LEU A 168 9.03 -23.38 -12.19
CA LEU A 168 7.96 -22.42 -12.44
C LEU A 168 8.20 -21.39 -13.55
N MET A 169 8.99 -20.36 -13.23
CA MET A 169 9.29 -19.27 -14.17
C MET A 169 9.82 -19.68 -15.56
N VAL A 170 10.40 -20.87 -15.67
CA VAL A 170 10.93 -21.33 -16.95
C VAL A 170 10.03 -22.38 -17.62
N ASN A 171 9.82 -23.49 -16.93
CA ASN A 171 8.97 -24.57 -17.44
C ASN A 171 7.53 -24.12 -17.69
N LEU A 172 7.13 -23.02 -17.08
CA LEU A 172 5.76 -22.53 -17.25
C LEU A 172 5.70 -21.15 -17.89
N GLU A 173 6.86 -20.61 -18.26
CA GLU A 173 6.97 -19.30 -18.91
C GLU A 173 5.85 -19.00 -19.91
N SER A 174 5.39 -20.05 -20.57
CA SER A 174 4.32 -19.95 -21.56
C SER A 174 3.05 -19.35 -20.97
N TYR A 175 2.97 -19.27 -19.65
CA TYR A 175 1.77 -18.72 -19.04
C TYR A 175 1.92 -18.36 -17.57
N TRP A 176 3.16 -18.26 -17.09
CA TRP A 176 3.37 -17.92 -15.69
C TRP A 176 2.71 -16.59 -15.34
N GLY A 177 3.15 -15.52 -16.01
CA GLY A 177 2.58 -14.21 -15.76
C GLY A 177 1.07 -14.25 -15.66
N SER A 178 0.41 -14.66 -16.75
CA SER A 178 -1.04 -14.74 -16.79
C SER A 178 -1.58 -15.47 -15.57
N ARG A 179 -0.88 -16.52 -15.14
CA ARG A 179 -1.28 -17.30 -13.99
C ARG A 179 -1.26 -16.41 -12.74
N MET A 180 -0.16 -15.70 -12.56
CA MET A 180 0.01 -14.81 -11.42
C MET A 180 -1.01 -13.69 -11.51
N ARG A 181 -0.98 -12.93 -12.60
CA ARG A 181 -1.93 -11.85 -12.80
C ARG A 181 -3.32 -12.32 -12.37
N ALA A 182 -3.66 -13.54 -12.75
CA ALA A 182 -4.96 -14.09 -12.42
C ALA A 182 -5.11 -14.19 -10.92
N LEU A 183 -4.18 -14.87 -10.26
CA LEU A 183 -4.26 -15.03 -8.82
C LEU A 183 -4.14 -13.71 -8.06
N THR A 184 -3.25 -12.82 -8.48
CA THR A 184 -3.09 -11.54 -7.78
C THR A 184 -4.43 -10.82 -7.73
N VAL A 185 -5.23 -10.96 -8.79
CA VAL A 185 -6.54 -10.33 -8.85
C VAL A 185 -7.51 -10.97 -7.88
N VAL A 186 -7.60 -12.30 -7.97
CA VAL A 186 -8.50 -13.05 -7.11
C VAL A 186 -8.20 -12.72 -5.65
N THR A 187 -6.92 -12.48 -5.35
CA THR A 187 -6.49 -12.20 -3.98
C THR A 187 -6.38 -10.73 -3.62
N SER A 188 -6.91 -9.84 -4.44
CA SER A 188 -6.80 -8.43 -4.11
C SER A 188 -8.05 -7.62 -4.36
N TYR A 189 -8.72 -7.95 -5.46
CA TYR A 189 -9.92 -7.24 -5.84
C TYR A 189 -10.78 -6.82 -4.66
N GLU A 190 -10.97 -7.70 -3.69
CA GLU A 190 -11.80 -7.38 -2.52
C GLU A 190 -11.34 -6.12 -1.77
N ARG A 191 -10.11 -6.10 -1.26
CA ARG A 191 -9.67 -4.92 -0.54
C ARG A 191 -9.35 -3.73 -1.45
N GLU A 192 -8.81 -4.00 -2.63
CA GLU A 192 -8.53 -2.93 -3.59
C GLU A 192 -9.84 -2.15 -3.74
N TYR A 193 -10.92 -2.89 -3.97
CA TYR A 193 -12.23 -2.27 -4.11
C TYR A 193 -12.61 -1.43 -2.89
N ASN A 194 -12.51 -2.02 -1.70
CA ASN A 194 -12.85 -1.27 -0.49
C ASN A 194 -12.03 0.01 -0.43
N GLU A 195 -10.71 -0.13 -0.56
CA GLU A 195 -9.82 1.02 -0.53
C GLU A 195 -10.33 2.11 -1.46
N LEU A 196 -10.46 1.75 -2.74
CA LEU A 196 -10.92 2.69 -3.77
C LEU A 196 -12.22 3.34 -3.35
N LEU A 197 -13.18 2.52 -2.94
CA LEU A 197 -14.45 3.06 -2.53
C LEU A 197 -14.28 4.01 -1.33
N ALA A 198 -13.31 3.69 -0.47
CA ALA A 198 -13.06 4.53 0.69
C ALA A 198 -12.67 5.92 0.21
N LYS A 199 -11.60 5.98 -0.59
CA LYS A 199 -11.14 7.25 -1.11
C LYS A 199 -12.32 7.95 -1.78
N LEU A 200 -12.99 7.24 -2.68
CA LEU A 200 -14.12 7.81 -3.39
C LEU A 200 -15.14 8.45 -2.45
N ARG A 201 -15.23 7.96 -1.22
CA ARG A 201 -16.19 8.53 -0.29
C ARG A 201 -15.69 9.86 0.23
N LYS A 202 -14.39 9.94 0.47
CA LYS A 202 -13.80 11.17 0.96
C LYS A 202 -14.12 12.26 -0.06
N VAL A 203 -13.89 11.95 -1.32
CA VAL A 203 -14.16 12.92 -2.36
C VAL A 203 -15.62 13.33 -2.35
N ASP A 204 -16.50 12.34 -2.23
CA ASP A 204 -17.92 12.66 -2.24
C ASP A 204 -18.35 13.58 -1.11
N LYS A 205 -17.76 13.40 0.07
CA LYS A 205 -18.09 14.25 1.21
C LYS A 205 -17.60 15.68 0.94
N ALA A 206 -16.37 15.82 0.46
CA ALA A 206 -15.82 17.15 0.18
C ALA A 206 -16.74 17.85 -0.82
N VAL A 207 -17.00 17.17 -1.94
CA VAL A 207 -17.85 17.75 -2.96
C VAL A 207 -19.17 18.22 -2.38
N SER A 208 -19.80 17.39 -1.54
CA SER A 208 -21.08 17.77 -0.94
C SER A 208 -20.91 19.04 -0.14
N ALA A 209 -19.98 19.02 0.82
CA ALA A 209 -19.73 20.17 1.68
C ALA A 209 -19.58 21.47 0.87
N LEU A 210 -18.63 21.51 -0.06
CA LEU A 210 -18.43 22.72 -0.87
C LEU A 210 -19.72 23.08 -1.59
N GLN A 211 -20.33 22.05 -2.18
CA GLN A 211 -21.57 22.16 -2.93
C GLN A 211 -22.62 22.88 -2.10
N GLU A 212 -22.75 22.49 -0.83
CA GLU A 212 -23.75 23.12 0.02
C GLU A 212 -23.24 24.12 1.05
N SER A 213 -22.15 24.82 0.77
CA SER A 213 -21.62 25.78 1.73
C SER A 213 -21.95 27.24 1.47
N ASP A 214 -23.17 27.65 1.81
CA ASP A 214 -23.59 29.04 1.61
C ASP A 214 -22.66 29.99 2.36
N ASN A 215 -22.27 29.61 3.57
CA ASN A 215 -21.36 30.44 4.32
C ASN A 215 -20.10 30.70 3.51
N LEU A 216 -19.47 29.66 2.96
CA LEU A 216 -18.28 29.89 2.17
C LEU A 216 -18.55 30.95 1.12
N ARG A 217 -19.61 30.76 0.34
CA ARG A 217 -19.97 31.72 -0.71
C ARG A 217 -20.21 33.11 -0.12
N ASN A 218 -20.82 33.19 1.06
CA ASN A 218 -21.04 34.48 1.69
C ASN A 218 -19.73 35.18 1.99
N VAL A 219 -18.78 34.45 2.57
CA VAL A 219 -17.47 35.02 2.84
C VAL A 219 -16.93 35.57 1.52
N PHE A 220 -17.06 34.78 0.46
CA PHE A 220 -16.60 35.20 -0.85
C PHE A 220 -17.22 36.52 -1.30
N ASN A 221 -18.47 36.76 -0.93
CA ASN A 221 -19.13 37.99 -1.34
C ASN A 221 -18.66 39.16 -0.51
N VAL A 222 -18.30 38.87 0.73
CA VAL A 222 -17.78 39.90 1.59
C VAL A 222 -16.43 40.28 0.99
N ILE A 223 -15.62 39.27 0.65
CA ILE A 223 -14.33 39.54 0.04
C ILE A 223 -14.52 40.35 -1.23
N LEU A 224 -15.55 40.00 -2.01
CA LEU A 224 -15.78 40.73 -3.24
C LEU A 224 -16.17 42.18 -2.97
N ALA A 225 -17.07 42.38 -2.00
CA ALA A 225 -17.52 43.72 -1.66
C ALA A 225 -16.31 44.58 -1.36
N VAL A 226 -15.58 44.21 -0.30
CA VAL A 226 -14.38 44.91 0.13
C VAL A 226 -13.43 45.12 -1.06
N GLY A 227 -13.16 44.02 -1.76
CA GLY A 227 -12.29 44.09 -2.92
C GLY A 227 -12.68 45.18 -3.88
N ASN A 228 -13.96 45.24 -4.27
CA ASN A 228 -14.39 46.27 -5.21
C ASN A 228 -14.27 47.65 -4.61
N PHE A 229 -14.46 47.73 -3.30
CA PHE A 229 -14.37 49.01 -2.64
C PHE A 229 -12.96 49.58 -2.78
N MET A 230 -11.96 48.72 -2.64
CA MET A 230 -10.58 49.18 -2.73
C MET A 230 -10.07 49.41 -4.15
N ASN A 231 -10.38 48.50 -5.05
CA ASN A 231 -9.92 48.63 -6.42
C ASN A 231 -10.48 49.80 -7.22
N ASP A 232 -9.68 50.26 -8.18
CA ASP A 232 -10.08 51.33 -9.07
C ASP A 232 -11.04 50.69 -10.07
N THR A 233 -11.56 51.48 -11.01
CA THR A 233 -12.53 50.92 -11.95
C THR A 233 -12.00 49.85 -12.90
N SER A 234 -10.72 49.94 -13.24
CA SER A 234 -10.14 48.96 -14.14
C SER A 234 -10.17 47.55 -13.54
N LYS A 235 -10.15 47.48 -12.21
CA LYS A 235 -10.16 46.19 -11.52
C LYS A 235 -11.50 45.80 -10.92
N GLN A 236 -12.56 46.55 -11.20
CA GLN A 236 -13.85 46.17 -10.63
C GLN A 236 -14.22 44.79 -11.20
N ALA A 237 -14.85 43.96 -10.37
CA ALA A 237 -15.22 42.63 -10.82
C ALA A 237 -16.57 42.12 -10.32
N GLN A 238 -17.18 41.27 -11.14
CA GLN A 238 -18.47 40.65 -10.85
C GLN A 238 -18.24 39.38 -10.06
N GLY A 239 -17.01 38.87 -10.12
CA GLY A 239 -16.66 37.66 -9.39
C GLY A 239 -15.17 37.45 -9.55
N PHE A 240 -14.60 36.50 -8.81
CA PHE A 240 -13.18 36.26 -8.97
C PHE A 240 -12.82 34.78 -8.95
N LYS A 241 -11.67 34.44 -9.54
CA LYS A 241 -11.22 33.06 -9.58
C LYS A 241 -10.60 32.68 -8.24
N LEU A 242 -10.43 31.38 -8.01
CA LEU A 242 -9.87 30.88 -6.76
C LEU A 242 -8.46 31.35 -6.51
N SER A 243 -7.71 31.62 -7.59
CA SER A 243 -6.34 32.08 -7.42
C SER A 243 -6.34 33.26 -6.46
N THR A 244 -7.44 34.01 -6.50
CA THR A 244 -7.60 35.17 -5.63
C THR A 244 -7.39 34.87 -4.15
N LEU A 245 -7.84 33.71 -3.71
CA LEU A 245 -7.72 33.32 -2.32
C LEU A 245 -6.29 33.32 -1.81
N GLN A 246 -5.39 32.77 -2.61
CA GLN A 246 -4.00 32.70 -2.20
C GLN A 246 -3.25 34.01 -2.24
N ARG A 247 -3.91 35.11 -2.61
CA ARG A 247 -3.19 36.36 -2.62
C ARG A 247 -3.79 37.46 -1.74
N LEU A 248 -4.46 37.06 -0.67
CA LEU A 248 -5.08 38.02 0.24
C LEU A 248 -4.19 38.29 1.44
N THR A 249 -2.96 37.82 1.38
CA THR A 249 -2.05 38.01 2.49
C THR A 249 -0.93 38.94 2.07
N PHE A 250 -0.83 39.17 0.78
CA PHE A 250 0.22 40.01 0.25
C PHE A 250 -0.09 41.49 0.45
N ILE A 251 -1.30 41.78 0.94
CA ILE A 251 -1.73 43.15 1.17
C ILE A 251 -1.75 43.43 2.68
N LYS A 252 -0.91 44.37 3.14
CA LYS A 252 -0.86 44.68 4.57
C LYS A 252 -1.38 46.09 4.86
N ASP A 253 -1.77 46.33 6.11
CA ASP A 253 -2.28 47.63 6.50
C ASP A 253 -1.12 48.58 6.80
N THR A 254 -1.45 49.84 7.08
CA THR A 254 -0.43 50.85 7.35
C THR A 254 0.62 50.44 8.34
N THR A 255 0.19 50.10 9.56
CA THR A 255 1.08 49.69 10.64
C THR A 255 1.88 48.46 10.20
N ASN A 256 1.48 47.90 9.07
CA ASN A 256 2.11 46.72 8.50
C ASN A 256 2.02 45.42 9.30
N SER A 257 1.10 45.39 10.26
CA SER A 257 0.87 44.19 11.06
C SER A 257 -0.21 43.35 10.36
N MET A 258 -1.48 43.75 10.50
CA MET A 258 -2.64 43.09 9.88
C MET A 258 -2.47 42.86 8.38
N THR A 259 -3.15 41.82 7.89
CA THR A 259 -3.12 41.45 6.47
C THR A 259 -4.55 41.69 5.97
N PHE A 260 -4.73 41.80 4.66
CA PHE A 260 -6.08 41.99 4.14
C PHE A 260 -6.97 40.89 4.70
N LEU A 261 -6.45 39.66 4.71
CA LEU A 261 -7.20 38.52 5.21
C LEU A 261 -7.65 38.69 6.67
N ASN A 262 -6.76 39.23 7.51
CA ASN A 262 -7.13 39.46 8.91
C ASN A 262 -8.39 40.33 8.96
N TYR A 263 -8.41 41.41 8.18
CA TYR A 263 -9.59 42.28 8.20
C TYR A 263 -10.85 41.56 7.78
N VAL A 264 -10.75 40.78 6.71
CA VAL A 264 -11.89 40.02 6.25
C VAL A 264 -12.44 39.23 7.42
N GLU A 265 -11.56 38.45 8.05
CA GLU A 265 -11.96 37.62 9.19
C GLU A 265 -12.61 38.48 10.27
N LYS A 266 -11.97 39.59 10.61
CA LYS A 266 -12.49 40.50 11.60
C LYS A 266 -13.91 40.94 11.20
N ILE A 267 -14.05 41.35 9.94
CA ILE A 267 -15.34 41.79 9.44
C ILE A 267 -16.41 40.72 9.58
N VAL A 268 -16.05 39.49 9.26
CA VAL A 268 -16.98 38.36 9.32
C VAL A 268 -17.36 38.03 10.76
N ARG A 269 -16.35 37.85 11.59
CA ARG A 269 -16.57 37.52 12.99
C ARG A 269 -17.37 38.56 13.77
N LEU A 270 -17.15 39.84 13.49
CA LEU A 270 -17.87 40.86 14.24
C LEU A 270 -19.13 41.39 13.58
N ASN A 271 -19.44 40.93 12.37
CA ASN A 271 -20.63 41.42 11.69
C ASN A 271 -21.53 40.31 11.15
N TYR A 272 -20.93 39.19 10.79
CA TYR A 272 -21.69 38.07 10.27
C TYR A 272 -21.12 36.79 10.86
N PRO A 273 -21.09 36.69 12.19
CA PRO A 273 -20.56 35.53 12.89
C PRO A 273 -20.93 34.15 12.33
N SER A 274 -22.21 33.91 12.04
CA SER A 274 -22.60 32.60 11.50
C SER A 274 -21.73 32.16 10.31
N PHE A 275 -21.35 33.12 9.47
CA PHE A 275 -20.53 32.79 8.30
C PHE A 275 -19.36 31.90 8.64
N ASN A 276 -18.80 32.11 9.83
CA ASN A 276 -17.65 31.35 10.28
C ASN A 276 -17.87 29.84 10.40
N ASP A 277 -19.12 29.39 10.31
CA ASP A 277 -19.38 27.95 10.43
C ASP A 277 -18.65 27.21 9.30
N PHE A 278 -18.53 27.85 8.14
CA PHE A 278 -17.88 27.22 7.02
C PHE A 278 -16.58 26.52 7.41
N LEU A 279 -15.87 27.04 8.40
CA LEU A 279 -14.61 26.42 8.84
C LEU A 279 -14.86 24.99 9.34
N SER A 280 -15.96 24.81 10.06
CA SER A 280 -16.30 23.49 10.59
C SER A 280 -16.92 22.68 9.45
N GLU A 281 -17.88 23.30 8.77
CA GLU A 281 -18.57 22.65 7.67
C GLU A 281 -17.60 22.04 6.66
N LEU A 282 -16.43 22.65 6.47
CA LEU A 282 -15.51 22.15 5.45
C LEU A 282 -14.34 21.28 5.90
N GLU A 283 -14.49 20.55 7.00
CA GLU A 283 -13.40 19.67 7.43
C GLU A 283 -13.24 18.60 6.34
N PRO A 284 -14.35 18.13 5.77
CA PRO A 284 -14.16 17.12 4.72
C PRO A 284 -13.28 17.59 3.57
N VAL A 285 -13.16 18.90 3.38
CA VAL A 285 -12.30 19.41 2.31
C VAL A 285 -10.86 19.26 2.78
N LEU A 286 -10.65 19.45 4.08
CA LEU A 286 -9.31 19.33 4.65
C LEU A 286 -8.86 17.87 4.58
N ASP A 287 -9.81 16.93 4.74
CA ASP A 287 -9.52 15.50 4.72
C ASP A 287 -9.24 14.90 3.35
N VAL A 288 -9.95 15.39 2.35
CA VAL A 288 -9.79 14.86 1.00
C VAL A 288 -8.52 15.33 0.33
N VAL A 289 -7.87 16.30 0.96
CA VAL A 289 -6.66 16.88 0.41
C VAL A 289 -5.58 15.93 -0.06
N LYS A 290 -5.46 14.77 0.56
CA LYS A 290 -4.43 13.81 0.16
C LYS A 290 -4.94 12.79 -0.84
N VAL A 291 -5.83 13.21 -1.73
CA VAL A 291 -6.39 12.32 -2.74
C VAL A 291 -6.49 13.01 -4.09
N SER A 292 -5.89 12.40 -5.10
CA SER A 292 -5.94 12.96 -6.44
C SER A 292 -7.11 12.31 -7.14
N ILE A 293 -8.19 13.07 -7.36
CA ILE A 293 -9.34 12.48 -8.01
C ILE A 293 -8.92 11.98 -9.38
N GLU A 294 -7.81 12.52 -9.88
CA GLU A 294 -7.29 12.10 -11.17
C GLU A 294 -6.75 10.68 -11.00
N GLN A 295 -5.84 10.51 -10.04
CA GLN A 295 -5.26 9.20 -9.80
C GLN A 295 -6.36 8.19 -9.48
N LEU A 296 -7.26 8.55 -8.57
CA LEU A 296 -8.36 7.68 -8.18
C LEU A 296 -9.12 7.16 -9.39
N VAL A 297 -9.58 8.06 -10.24
CA VAL A 297 -10.32 7.64 -11.44
C VAL A 297 -9.51 6.63 -12.25
N ASN A 298 -8.24 6.92 -12.49
CA ASN A 298 -7.44 5.96 -13.25
C ASN A 298 -7.35 4.63 -12.52
N ASP A 299 -7.14 4.66 -11.20
CA ASP A 299 -7.06 3.43 -10.44
C ASP A 299 -8.30 2.56 -10.69
N CYS A 300 -9.47 3.18 -10.84
CA CYS A 300 -10.63 2.36 -11.13
C CYS A 300 -10.49 1.65 -12.48
N LYS A 301 -10.15 2.48 -13.46
CA LYS A 301 -9.96 1.95 -14.79
C LYS A 301 -9.02 0.77 -14.69
N ASP A 302 -7.84 0.97 -14.10
CA ASP A 302 -6.89 -0.13 -13.98
C ASP A 302 -7.54 -1.31 -13.26
N PHE A 303 -8.31 -1.02 -12.21
CA PHE A 303 -9.00 -2.06 -11.46
C PHE A 303 -9.81 -2.88 -12.45
N SER A 304 -10.76 -2.22 -13.13
CA SER A 304 -11.61 -2.91 -14.08
C SER A 304 -10.81 -3.60 -15.18
N GLN A 305 -9.86 -2.87 -15.75
CA GLN A 305 -9.03 -3.40 -16.83
C GLN A 305 -8.34 -4.68 -16.40
N SER A 306 -7.75 -4.69 -15.22
CA SER A 306 -7.08 -5.90 -14.76
C SER A 306 -8.07 -7.06 -14.77
N ILE A 307 -9.23 -6.86 -14.16
CA ILE A 307 -10.26 -7.90 -14.14
C ILE A 307 -10.58 -8.32 -15.55
N VAL A 308 -10.70 -7.34 -16.45
CA VAL A 308 -10.99 -7.62 -17.85
C VAL A 308 -9.93 -8.55 -18.44
N ASN A 309 -8.68 -8.10 -18.46
CA ASN A 309 -7.57 -8.87 -18.99
C ASN A 309 -7.56 -10.31 -18.48
N VAL A 310 -7.75 -10.49 -17.18
CA VAL A 310 -7.77 -11.83 -16.62
C VAL A 310 -8.86 -12.61 -17.32
N GLU A 311 -10.03 -12.00 -17.49
CA GLU A 311 -11.17 -12.66 -18.15
C GLU A 311 -10.80 -13.06 -19.57
N ARG A 312 -10.01 -12.23 -20.25
CA ARG A 312 -9.61 -12.56 -21.60
C ARG A 312 -8.72 -13.79 -21.59
N SER A 313 -7.58 -13.68 -20.91
CA SER A 313 -6.61 -14.76 -20.81
C SER A 313 -7.28 -16.08 -20.42
N VAL A 314 -8.34 -15.97 -19.64
CA VAL A 314 -9.09 -17.13 -19.18
C VAL A 314 -9.98 -17.71 -20.28
N GLU A 315 -10.50 -16.85 -21.16
CA GLU A 315 -11.37 -17.29 -22.23
C GLU A 315 -10.73 -17.51 -23.58
N ILE A 316 -9.59 -16.85 -23.83
CA ILE A 316 -8.91 -17.02 -25.11
C ILE A 316 -7.42 -16.70 -25.01
N GLY A 317 -6.90 -16.68 -23.79
CA GLY A 317 -5.49 -16.38 -23.62
C GLY A 317 -4.68 -17.55 -23.13
N ASN A 318 -3.48 -17.25 -22.60
CA ASN A 318 -2.60 -18.27 -22.10
C ASN A 318 -3.24 -19.13 -20.99
N LEU A 319 -4.49 -18.88 -20.64
CA LEU A 319 -5.15 -19.67 -19.59
C LEU A 319 -6.46 -20.27 -20.06
N SER A 320 -6.70 -20.20 -21.37
CA SER A 320 -7.90 -20.77 -21.95
C SER A 320 -7.57 -22.24 -22.24
N ASP A 321 -6.29 -22.48 -22.54
CA ASP A 321 -5.77 -23.81 -22.85
C ASP A 321 -5.22 -24.51 -21.60
N SER A 322 -6.05 -25.35 -20.97
CA SER A 322 -5.64 -26.03 -19.73
C SER A 322 -4.71 -27.24 -19.87
N SER A 323 -4.44 -27.68 -21.09
CA SER A 323 -3.55 -28.81 -21.28
C SER A 323 -2.13 -28.26 -21.46
N LYS A 324 -2.04 -26.93 -21.49
CA LYS A 324 -0.76 -26.25 -21.65
C LYS A 324 -0.19 -26.02 -20.25
N PHE A 325 -1.01 -26.32 -19.24
CA PHE A 325 -0.67 -26.16 -17.82
C PHE A 325 0.11 -27.34 -17.26
N HIS A 326 0.62 -27.12 -16.05
CA HIS A 326 1.35 -28.13 -15.30
C HIS A 326 0.24 -28.98 -14.68
N PRO A 327 0.43 -30.30 -14.63
CA PRO A 327 -0.57 -31.21 -14.07
C PRO A 327 -1.05 -30.80 -12.68
N LEU A 328 -0.12 -30.24 -11.88
CA LEU A 328 -0.43 -29.84 -10.51
C LEU A 328 -1.00 -28.44 -10.38
N ASP A 329 -0.91 -27.66 -11.45
CA ASP A 329 -1.42 -26.29 -11.44
C ASP A 329 -2.95 -26.24 -11.40
N LYS A 330 -3.49 -25.40 -10.53
CA LYS A 330 -4.93 -25.27 -10.44
C LYS A 330 -5.39 -23.83 -10.23
N VAL A 331 -4.90 -22.91 -11.05
CA VAL A 331 -5.35 -21.53 -10.88
C VAL A 331 -6.84 -21.44 -11.15
N LEU A 332 -7.28 -22.09 -12.21
CA LEU A 332 -8.68 -22.04 -12.61
C LEU A 332 -9.69 -22.53 -11.57
N ILE A 333 -9.33 -23.56 -10.81
CA ILE A 333 -10.26 -24.06 -9.81
C ILE A 333 -10.54 -22.95 -8.79
N LYS A 334 -9.56 -22.06 -8.62
CA LYS A 334 -9.66 -20.93 -7.69
C LYS A 334 -10.25 -19.71 -8.40
N THR A 335 -9.61 -19.35 -9.51
CA THR A 335 -9.97 -18.19 -10.31
C THR A 335 -11.38 -18.11 -10.86
N LEU A 336 -11.77 -19.07 -11.70
CA LEU A 336 -13.08 -19.04 -12.32
C LEU A 336 -14.31 -18.74 -11.46
N PRO A 337 -14.44 -19.37 -10.30
CA PRO A 337 -15.63 -19.08 -9.47
C PRO A 337 -15.65 -17.64 -9.01
N VAL A 338 -14.47 -17.03 -8.99
CA VAL A 338 -14.33 -15.65 -8.52
C VAL A 338 -14.49 -14.52 -9.52
N LEU A 339 -14.04 -14.71 -10.76
CA LEU A 339 -14.14 -13.64 -11.75
C LEU A 339 -15.45 -12.87 -11.75
N PRO A 340 -16.60 -13.55 -11.86
CA PRO A 340 -17.89 -12.84 -11.86
C PRO A 340 -18.09 -11.89 -10.68
N GLU A 341 -17.64 -12.28 -9.49
CA GLU A 341 -17.79 -11.45 -8.32
C GLU A 341 -16.84 -10.25 -8.39
N ALA A 342 -15.66 -10.47 -8.95
CA ALA A 342 -14.70 -9.37 -9.11
C ALA A 342 -15.27 -8.39 -10.14
N ARG A 343 -15.71 -8.92 -11.28
CA ARG A 343 -16.28 -8.06 -12.31
C ARG A 343 -17.40 -7.27 -11.68
N LYS A 344 -18.22 -7.93 -10.86
CA LYS A 344 -19.32 -7.24 -10.23
C LYS A 344 -18.84 -6.04 -9.40
N LYS A 345 -17.75 -6.22 -8.65
CA LYS A 345 -17.22 -5.10 -7.87
C LYS A 345 -16.70 -4.00 -8.80
N GLY A 346 -16.16 -4.42 -9.94
CA GLY A 346 -15.64 -3.46 -10.90
C GLY A 346 -16.75 -2.56 -11.42
N ASP A 347 -17.85 -3.16 -11.86
CA ASP A 347 -18.96 -2.39 -12.38
C ASP A 347 -19.47 -1.44 -11.30
N LEU A 348 -19.71 -1.97 -10.10
CA LEU A 348 -20.20 -1.16 -8.97
C LEU A 348 -19.38 0.11 -8.83
N LEU A 349 -18.08 -0.10 -8.67
CA LEU A 349 -17.11 0.95 -8.51
C LEU A 349 -17.21 1.97 -9.66
N GLU A 350 -17.14 1.47 -10.89
CA GLU A 350 -17.20 2.36 -12.05
C GLU A 350 -18.41 3.27 -11.96
N ASP A 351 -19.57 2.68 -11.71
CA ASP A 351 -20.79 3.46 -11.62
C ASP A 351 -20.65 4.59 -10.58
N GLU A 352 -20.12 4.29 -9.41
CA GLU A 352 -19.96 5.32 -8.38
C GLU A 352 -19.02 6.41 -8.85
N VAL A 353 -17.84 5.99 -9.29
CA VAL A 353 -16.85 6.93 -9.78
C VAL A 353 -17.44 7.84 -10.85
N LYS A 354 -18.10 7.28 -11.86
CA LYS A 354 -18.68 8.14 -12.90
C LYS A 354 -19.62 9.18 -12.31
N LEU A 355 -20.38 8.79 -11.29
CA LEU A 355 -21.29 9.74 -10.67
C LEU A 355 -20.49 10.84 -10.00
N THR A 356 -19.48 10.45 -9.24
CA THR A 356 -18.66 11.43 -8.54
C THR A 356 -18.04 12.41 -9.52
N ILE A 357 -17.40 11.90 -10.57
CA ILE A 357 -16.77 12.77 -11.56
C ILE A 357 -17.76 13.83 -11.99
N MET A 358 -18.95 13.38 -12.36
CA MET A 358 -20.03 14.26 -12.77
C MET A 358 -20.19 15.41 -11.78
N GLU A 359 -20.50 15.07 -10.53
CA GLU A 359 -20.73 16.07 -9.50
C GLU A 359 -19.54 17.00 -9.29
N PHE A 360 -18.34 16.41 -9.16
CA PHE A 360 -17.10 17.17 -8.98
C PHE A 360 -16.91 18.22 -10.07
N GLU A 361 -16.79 17.75 -11.31
CA GLU A 361 -16.61 18.67 -12.41
C GLU A 361 -17.65 19.78 -12.37
N SER A 362 -18.89 19.41 -12.12
CA SER A 362 -19.98 20.37 -12.07
C SER A 362 -19.76 21.39 -10.94
N LEU A 363 -19.08 20.95 -9.89
CA LEU A 363 -18.76 21.79 -8.75
C LEU A 363 -17.72 22.80 -9.19
N MET A 364 -16.75 22.34 -9.98
CA MET A 364 -15.71 23.22 -10.47
C MET A 364 -16.31 24.36 -11.31
N HIS A 365 -17.20 24.02 -12.23
CA HIS A 365 -17.79 25.05 -13.07
C HIS A 365 -18.49 26.07 -12.20
N THR A 366 -18.94 25.64 -11.03
CA THR A 366 -19.60 26.55 -10.10
C THR A 366 -18.65 27.63 -9.60
N TYR A 367 -17.38 27.28 -9.43
CA TYR A 367 -16.39 28.24 -8.96
C TYR A 367 -15.51 28.77 -10.07
N GLY A 368 -15.96 28.60 -11.31
CA GLY A 368 -15.20 29.09 -12.45
C GLY A 368 -13.90 28.41 -12.85
N GLU A 369 -13.74 27.14 -12.50
CA GLU A 369 -12.52 26.43 -12.88
C GLU A 369 -12.80 25.51 -14.06
N ASP A 370 -11.78 25.25 -14.89
CA ASP A 370 -11.99 24.41 -16.05
C ASP A 370 -11.82 22.92 -15.72
N SER A 371 -12.90 22.16 -15.90
CA SER A 371 -12.89 20.72 -15.63
C SER A 371 -11.99 20.02 -16.63
N GLY A 372 -11.63 20.73 -17.70
CA GLY A 372 -10.77 20.15 -18.71
C GLY A 372 -9.30 20.19 -18.28
N ASP A 373 -8.89 21.31 -17.71
CA ASP A 373 -7.52 21.52 -17.24
C ASP A 373 -7.06 20.50 -16.19
N LYS A 374 -6.10 19.65 -16.57
CA LYS A 374 -5.57 18.65 -15.66
C LYS A 374 -5.15 19.22 -14.31
N PHE A 375 -4.29 20.23 -14.33
CA PHE A 375 -3.83 20.84 -13.08
C PHE A 375 -4.96 21.46 -12.26
N ALA A 376 -5.86 22.17 -12.95
CA ALA A 376 -6.99 22.79 -12.28
C ALA A 376 -7.75 21.76 -11.47
N LYS A 377 -7.98 20.59 -12.06
CA LYS A 377 -8.70 19.54 -11.36
C LYS A 377 -7.96 19.09 -10.11
N ILE A 378 -6.67 18.84 -10.29
CA ILE A 378 -5.83 18.36 -9.20
C ILE A 378 -5.65 19.31 -8.02
N SER A 379 -5.58 20.61 -8.28
CA SER A 379 -5.39 21.58 -7.22
C SER A 379 -6.68 22.15 -6.64
N PHE A 380 -7.82 21.77 -7.21
CA PHE A 380 -9.09 22.28 -6.76
C PHE A 380 -9.30 22.27 -5.24
N PHE A 381 -9.15 21.12 -4.59
CA PHE A 381 -9.37 21.10 -3.15
C PHE A 381 -8.27 21.74 -2.33
N LYS A 382 -7.05 21.68 -2.83
CA LYS A 382 -5.95 22.28 -2.10
C LYS A 382 -6.28 23.76 -1.90
N LYS A 383 -6.68 24.41 -2.98
CA LYS A 383 -6.99 25.82 -2.89
C LYS A 383 -7.97 26.15 -1.76
N PHE A 384 -9.06 25.40 -1.65
CA PHE A 384 -10.02 25.66 -0.57
C PHE A 384 -9.40 25.34 0.79
N ALA A 385 -8.65 24.23 0.84
CA ALA A 385 -8.00 23.81 2.07
C ALA A 385 -7.00 24.86 2.54
N ASP A 386 -6.10 25.28 1.65
CA ASP A 386 -5.11 26.30 2.03
C ASP A 386 -5.82 27.53 2.55
N PHE A 387 -6.83 27.99 1.81
CA PHE A 387 -7.58 29.16 2.25
C PHE A 387 -8.12 29.00 3.65
N ILE A 388 -8.74 27.86 3.89
CA ILE A 388 -9.32 27.59 5.19
C ILE A 388 -8.27 27.68 6.29
N ASN A 389 -7.11 27.06 6.05
CA ASN A 389 -6.04 27.10 7.03
C ASN A 389 -5.58 28.54 7.25
N GLU A 390 -5.41 29.28 6.16
CA GLU A 390 -5.00 30.69 6.22
C GLU A 390 -6.01 31.50 7.05
N TYR A 391 -7.29 31.25 6.81
CA TYR A 391 -8.35 31.94 7.51
C TYR A 391 -8.18 31.63 8.98
N LYS A 392 -7.94 30.36 9.28
CA LYS A 392 -7.75 29.93 10.67
C LYS A 392 -6.57 30.65 11.32
N LYS A 393 -5.44 30.69 10.61
CA LYS A 393 -4.25 31.37 11.12
C LYS A 393 -4.59 32.84 11.37
N ALA A 394 -5.32 33.45 10.44
CA ALA A 394 -5.72 34.84 10.59
C ALA A 394 -6.62 35.00 11.81
N GLN A 395 -7.63 34.16 11.91
CA GLN A 395 -8.54 34.24 13.05
C GLN A 395 -7.73 34.15 14.32
N ALA A 396 -6.72 33.30 14.29
CA ALA A 396 -5.88 33.13 15.47
C ALA A 396 -5.22 34.47 15.77
N GLN A 397 -4.46 35.00 14.82
CA GLN A 397 -3.78 36.28 15.04
C GLN A 397 -4.73 37.38 15.54
N ASN A 398 -5.91 37.50 14.94
CA ASN A 398 -6.82 38.56 15.37
C ASN A 398 -7.24 38.37 16.82
N LEU A 399 -7.57 37.14 17.18
CA LEU A 399 -7.98 36.86 18.54
C LEU A 399 -6.89 37.22 19.54
N ALA A 400 -5.65 37.02 19.12
CA ALA A 400 -4.50 37.34 19.95
C ALA A 400 -4.41 38.86 20.07
N ALA A 401 -4.09 39.51 18.94
CA ALA A 401 -3.97 40.96 18.91
C ALA A 401 -5.09 41.65 19.65
N GLU A 402 -6.32 41.19 19.44
CA GLU A 402 -7.44 41.83 20.11
C GLU A 402 -7.36 41.71 21.62
N GLU A 403 -6.88 40.57 22.11
CA GLU A 403 -6.77 40.37 23.56
C GLU A 403 -5.78 41.36 24.18
N GLU A 404 -4.63 41.52 23.54
CA GLU A 404 -3.61 42.44 24.02
C GLU A 404 -4.23 43.82 24.11
N GLU A 405 -4.93 44.23 23.05
CA GLU A 405 -5.58 45.55 23.05
C GLU A 405 -6.69 45.62 24.10
N ARG A 406 -7.31 44.49 24.42
CA ARG A 406 -8.37 44.47 25.43
C ARG A 406 -7.73 44.81 26.78
N LEU A 407 -6.43 44.53 26.88
CA LEU A 407 -5.65 44.78 28.08
C LEU A 407 -5.23 46.24 28.07
N TYR A 408 -4.33 46.57 27.15
CA TYR A 408 -3.79 47.92 27.00
C TYR A 408 -4.80 49.04 27.17
N ILE A 409 -6.00 48.87 26.64
CA ILE A 409 -7.02 49.90 26.75
C ILE A 409 -7.53 50.03 28.18
N LYS A 410 -7.32 48.98 28.97
CA LYS A 410 -7.75 48.97 30.38
C LYS A 410 -6.70 49.69 31.24
N HIS A 411 -5.44 49.27 31.12
CA HIS A 411 -4.34 49.86 31.87
C HIS A 411 -3.70 51.02 31.10
#